data_2VJE
#
_entry.id   2VJE
#
_cell.length_a   54.562
_cell.length_b   40.769
_cell.length_c   77.514
_cell.angle_alpha   90.00
_cell.angle_beta   109.06
_cell.angle_gamma   90.00
#
_symmetry.space_group_name_H-M   'P 1 21 1'
#
loop_
_entity.id
_entity.type
_entity.pdbx_description
1 polymer 'E3 UBIQUITIN-PROTEIN LIGASE MDM2'
2 polymer 'MDM4 PROTEIN'
3 non-polymer 'ZINC ION'
4 non-polymer 'CITRATE ANION'
5 non-polymer 'SULFATE ION'
6 water water
#
loop_
_entity_poly.entity_id
_entity_poly.type
_entity_poly.pdbx_seq_one_letter_code
_entity_poly.pdbx_strand_id
1 'polypeptide(L)' SSLPLNAIEPCVICQGRPKNGCIVHGKTGHLMACFTCAKKLKKRNKPCPVCRQPIQMIVLTYFP A,C
2 'polypeptide(L)' EDCQNLLKPCSLCEKRPRDGNIIHGRTGHLVTCFHCARRLKKAGASCPICKKEIQLVIKVFIA B,D
#
loop_
_chem_comp.id
_chem_comp.type
_chem_comp.name
_chem_comp.formula
FLC non-polymer 'CITRATE ANION' 'C6 H5 O7 -3'
SO4 non-polymer 'SULFATE ION' 'O4 S -2'
ZN non-polymer 'ZINC ION' 'Zn 2'
#
# COMPACT_ATOMS: atom_id res chain seq x y z
N LEU A 5 6.04 -22.01 20.91
CA LEU A 5 5.01 -21.16 20.26
C LEU A 5 4.52 -21.77 18.95
N ASN A 6 3.30 -21.39 18.58
CA ASN A 6 2.71 -21.69 17.29
C ASN A 6 3.36 -20.91 16.16
N ALA A 7 4.06 -19.84 16.50
CA ALA A 7 4.68 -18.94 15.49
C ALA A 7 5.80 -19.59 14.69
N ILE A 8 6.46 -20.58 15.26
CA ILE A 8 7.55 -21.26 14.56
C ILE A 8 7.13 -22.59 13.89
N GLU A 9 5.84 -22.87 13.96
CA GLU A 9 5.26 -24.01 13.23
C GLU A 9 4.70 -23.53 11.90
N PRO A 10 4.80 -24.36 10.85
CA PRO A 10 4.31 -23.97 9.51
C PRO A 10 2.79 -23.91 9.41
N CYS A 11 2.29 -23.46 8.26
CA CYS A 11 0.85 -23.46 7.94
C CYS A 11 0.22 -24.76 8.45
N VAL A 12 -0.88 -24.66 9.20
CA VAL A 12 -1.52 -25.87 9.71
C VAL A 12 -2.13 -26.69 8.57
N ILE A 13 -2.51 -26.00 7.51
CA ILE A 13 -3.23 -26.62 6.41
C ILE A 13 -2.31 -27.41 5.50
N CYS A 14 -1.17 -26.84 5.13
CA CYS A 14 -0.24 -27.52 4.22
C CYS A 14 1.05 -28.00 4.90
N GLN A 15 1.34 -27.43 6.08
CA GLN A 15 2.59 -27.67 6.85
C GLN A 15 3.90 -27.46 6.06
N GLY A 16 3.81 -26.73 4.94
CA GLY A 16 4.96 -26.56 4.05
C GLY A 16 5.43 -25.13 3.90
N ARG A 17 4.66 -24.19 4.44
CA ARG A 17 4.99 -22.76 4.36
C ARG A 17 4.74 -22.06 5.70
N PRO A 18 5.29 -20.84 5.88
CA PRO A 18 5.12 -20.16 7.16
C PRO A 18 3.71 -19.62 7.30
N LYS A 19 3.31 -19.32 8.53
CA LYS A 19 2.03 -18.69 8.79
C LYS A 19 2.09 -17.20 8.44
N ASN A 20 1.86 -16.89 7.16
CA ASN A 20 2.00 -15.54 6.64
C ASN A 20 0.73 -15.07 5.94
N GLY A 21 -0.34 -15.85 6.05
CA GLY A 21 -1.62 -15.50 5.49
C GLY A 21 -2.54 -15.01 6.59
N CYS A 22 -2.57 -13.70 6.81
CA CYS A 22 -3.39 -13.17 7.88
C CYS A 22 -4.87 -13.15 7.48
N ILE A 23 -5.70 -13.79 8.31
CA ILE A 23 -7.15 -13.83 8.12
C ILE A 23 -7.70 -12.65 8.88
N VAL A 24 -8.25 -11.67 8.17
CA VAL A 24 -8.64 -10.44 8.84
C VAL A 24 -10.16 -10.39 9.02
N HIS A 25 -10.59 -10.04 10.24
CA HIS A 25 -11.99 -9.76 10.53
C HIS A 25 -12.05 -8.64 11.56
N GLY A 26 -12.59 -7.49 11.17
CA GLY A 26 -12.70 -6.36 12.09
C GLY A 26 -11.32 -5.80 12.40
N LYS A 27 -11.03 -5.62 13.67
CA LYS A 27 -9.74 -5.09 14.09
C LYS A 27 -8.83 -6.19 14.62
N THR A 28 -9.11 -7.40 14.18
CA THR A 28 -8.40 -8.56 14.66
C THR A 28 -8.02 -9.51 13.53
N GLY A 29 -6.99 -10.31 13.77
CA GLY A 29 -6.51 -11.24 12.74
C GLY A 29 -6.09 -12.58 13.32
N HIS A 30 -6.42 -13.64 12.60
CA HIS A 30 -5.93 -14.95 12.95
C HIS A 30 -4.86 -15.44 11.98
N LEU A 31 -3.68 -15.69 12.53
CA LEU A 31 -2.55 -16.27 11.81
C LEU A 31 -2.40 -17.76 12.15
N MET A 32 -2.70 -18.63 11.19
CA MET A 32 -2.49 -20.08 11.33
C MET A 32 -2.20 -20.77 10.00
N ALA A 33 -2.30 -20.04 8.90
CA ALA A 33 -2.16 -20.58 7.55
C ALA A 33 -1.25 -19.68 6.70
N CYS A 34 -0.65 -20.24 5.65
CA CYS A 34 0.11 -19.45 4.70
C CYS A 34 -0.84 -18.65 3.84
N PHE A 35 -0.29 -17.73 3.04
CA PHE A 35 -1.08 -16.88 2.15
C PHE A 35 -1.91 -17.69 1.14
N THR A 36 -1.25 -18.64 0.47
CA THR A 36 -1.90 -19.52 -0.51
C THR A 36 -3.09 -20.30 0.08
N CYS A 37 -2.88 -21.00 1.18
CA CYS A 37 -3.97 -21.76 1.83
C CYS A 37 -5.06 -20.85 2.37
N ALA A 38 -4.66 -19.72 2.94
CA ALA A 38 -5.62 -18.77 3.49
C ALA A 38 -6.53 -18.18 2.40
N LYS A 39 -5.96 -17.94 1.22
CA LYS A 39 -6.73 -17.46 0.08
C LYS A 39 -7.77 -18.49 -0.33
N LYS A 40 -7.40 -19.77 -0.26
CA LYS A 40 -8.32 -20.86 -0.60
C LYS A 40 -9.52 -20.89 0.31
N LEU A 41 -9.33 -20.63 1.60
CA LEU A 41 -10.44 -20.55 2.55
C LEU A 41 -11.44 -19.45 2.20
N LYS A 42 -10.93 -18.32 1.71
CA LYS A 42 -11.79 -17.21 1.37
C LYS A 42 -12.51 -17.50 0.07
N LYS A 43 -11.77 -18.00 -0.93
CA LYS A 43 -12.37 -18.34 -2.21
C LYS A 43 -13.54 -19.30 -2.04
N ARG A 44 -13.31 -20.39 -1.30
CA ARG A 44 -14.33 -21.39 -1.02
C ARG A 44 -15.35 -20.93 0.04
N ASN A 45 -15.26 -19.65 0.41
CA ASN A 45 -16.26 -19.00 1.28
C ASN A 45 -16.36 -19.59 2.70
N LYS A 46 -15.27 -20.19 3.16
CA LYS A 46 -15.16 -20.70 4.52
C LYS A 46 -15.04 -19.55 5.51
N PRO A 47 -15.53 -19.74 6.73
CA PRO A 47 -15.28 -18.75 7.77
C PRO A 47 -13.86 -18.95 8.34
N CYS A 48 -13.45 -18.08 9.25
CA CYS A 48 -12.19 -18.30 9.94
C CYS A 48 -12.24 -19.63 10.71
N PRO A 49 -11.28 -20.53 10.44
CA PRO A 49 -11.32 -21.84 11.13
C PRO A 49 -11.22 -21.73 12.63
N VAL A 50 -10.59 -20.66 13.11
CA VAL A 50 -10.30 -20.47 14.53
C VAL A 50 -11.49 -19.92 15.32
N CYS A 51 -12.04 -18.80 14.85
CA CYS A 51 -13.06 -18.08 15.62
C CYS A 51 -14.42 -18.12 14.91
N ARG A 52 -14.41 -18.64 13.68
CA ARG A 52 -15.61 -18.87 12.86
C ARG A 52 -16.37 -17.62 12.40
N GLN A 53 -15.74 -16.46 12.56
CA GLN A 53 -16.24 -15.22 12.00
C GLN A 53 -15.96 -15.20 10.51
N PRO A 54 -16.73 -14.40 9.74
CA PRO A 54 -16.46 -14.28 8.29
C PRO A 54 -15.08 -13.68 7.99
N ILE A 55 -14.46 -14.13 6.92
CA ILE A 55 -13.17 -13.60 6.51
C ILE A 55 -13.41 -12.37 5.65
N GLN A 56 -13.00 -11.19 6.16
CA GLN A 56 -13.11 -9.95 5.39
C GLN A 56 -12.04 -9.88 4.30
N MET A 57 -10.82 -10.22 4.64
CA MET A 57 -9.71 -10.25 3.68
C MET A 57 -8.53 -11.10 4.16
N ILE A 58 -7.68 -11.46 3.21
CA ILE A 58 -6.40 -12.13 3.47
C ILE A 58 -5.25 -11.15 3.20
N VAL A 59 -4.38 -10.99 4.18
CA VAL A 59 -3.24 -10.11 4.06
C VAL A 59 -1.96 -10.94 4.08
N LEU A 60 -1.11 -10.77 3.06
CA LEU A 60 0.23 -11.37 3.05
C LEU A 60 1.06 -10.62 4.08
N THR A 61 1.45 -11.32 5.15
CA THR A 61 2.09 -10.66 6.26
C THR A 61 3.58 -10.98 6.27
N TYR A 62 4.38 -9.92 6.36
CA TYR A 62 5.81 -10.04 6.40
C TYR A 62 6.33 -9.80 7.81
N PHE A 63 7.32 -10.56 8.23
CA PHE A 63 7.88 -10.34 9.55
C PHE A 63 9.40 -10.30 9.85
N PRO A 64 10.14 -9.32 9.32
CA PRO A 64 10.78 -9.07 8.07
C PRO A 64 12.25 -9.02 8.56
N CYS B 3 8.26 -17.22 11.23
CA CYS B 3 9.72 -16.95 11.36
C CYS B 3 10.08 -16.48 12.77
N GLN B 4 11.38 -16.52 13.06
CA GLN B 4 11.90 -16.28 14.41
C GLN B 4 11.75 -14.83 14.88
N ASN B 5 11.49 -13.91 13.96
CA ASN B 5 11.34 -12.50 14.33
C ASN B 5 10.05 -12.25 15.10
N LEU B 6 9.05 -13.08 14.84
CA LEU B 6 7.79 -13.01 15.56
C LEU B 6 7.93 -13.28 17.04
N LEU B 7 9.04 -13.90 17.43
CA LEU B 7 9.24 -14.27 18.84
C LEU B 7 9.90 -13.15 19.63
N LYS B 8 10.38 -12.12 18.93
CA LYS B 8 11.05 -10.98 19.55
C LYS B 8 10.04 -9.98 20.07
N PRO B 9 10.40 -9.25 21.15
CA PRO B 9 9.52 -8.17 21.58
C PRO B 9 9.37 -7.12 20.48
N CYS B 10 8.29 -6.35 20.54
CA CYS B 10 8.07 -5.20 19.68
C CYS B 10 9.37 -4.45 19.45
N SER B 11 9.64 -4.10 18.18
CA SER B 11 10.88 -3.38 17.86
C SER B 11 10.90 -1.96 18.42
N LEU B 12 9.74 -1.43 18.80
CA LEU B 12 9.70 -0.07 19.35
C LEU B 12 9.82 -0.02 20.86
N CYS B 13 8.81 -0.54 21.57
CA CYS B 13 8.77 -0.44 23.03
C CYS B 13 9.62 -1.54 23.68
N GLU B 14 9.86 -2.62 22.93
CA GLU B 14 10.71 -3.72 23.38
C GLU B 14 10.17 -4.46 24.62
N LYS B 15 8.88 -4.33 24.92
CA LYS B 15 8.31 -4.98 26.08
C LYS B 15 6.90 -5.53 25.92
N ARG B 16 6.44 -5.63 24.67
CA ARG B 16 5.17 -6.24 24.34
C ARG B 16 5.41 -7.16 23.15
N PRO B 17 4.58 -8.20 22.96
CA PRO B 17 4.78 -9.08 21.81
C PRO B 17 4.38 -8.43 20.48
N ARG B 18 4.94 -8.94 19.40
CA ARG B 18 4.63 -8.46 18.05
C ARG B 18 3.27 -8.98 17.60
N ASP B 19 2.23 -8.25 17.95
CA ASP B 19 0.88 -8.64 17.56
C ASP B 19 0.11 -7.49 16.90
N GLY B 20 0.83 -6.49 16.40
CA GLY B 20 0.19 -5.37 15.70
C GLY B 20 0.53 -5.37 14.23
N ASN B 21 -0.37 -5.89 13.41
CA ASN B 21 -0.16 -5.96 11.96
C ASN B 21 -0.52 -4.59 11.35
N ILE B 22 0.46 -4.00 10.69
CA ILE B 22 0.32 -2.75 9.98
C ILE B 22 0.03 -3.10 8.51
N ILE B 23 -1.15 -2.70 8.04
CA ILE B 23 -1.71 -3.18 6.80
C ILE B 23 -1.80 -2.07 5.76
N HIS B 24 -1.44 -2.42 4.53
CA HIS B 24 -1.46 -1.50 3.43
C HIS B 24 -1.75 -2.31 2.18
N GLY B 25 -2.95 -2.13 1.63
CA GLY B 25 -3.39 -2.91 0.48
C GLY B 25 -3.66 -4.35 0.91
N ARG B 26 -3.04 -5.29 0.24
CA ARG B 26 -3.14 -6.69 0.68
C ARG B 26 -1.85 -7.27 1.27
N THR B 27 -1.00 -6.39 1.79
CA THR B 27 0.21 -6.82 2.51
C THR B 27 0.24 -6.12 3.87
N GLY B 28 1.06 -6.64 4.78
CA GLY B 28 1.11 -6.14 6.15
C GLY B 28 2.51 -6.36 6.66
N HIS B 29 2.99 -5.48 7.53
CA HIS B 29 4.26 -5.71 8.22
C HIS B 29 4.02 -5.86 9.69
N LEU B 30 4.49 -6.98 10.25
CA LEU B 30 4.27 -7.30 11.64
C LEU B 30 5.61 -7.27 12.37
N VAL B 31 5.98 -6.08 12.86
CA VAL B 31 7.21 -5.85 13.60
C VAL B 31 7.00 -5.10 14.92
N THR B 32 5.78 -4.70 15.21
CA THR B 32 5.47 -3.94 16.42
C THR B 32 4.33 -4.62 17.16
N CYS B 33 4.08 -4.15 18.38
CA CYS B 33 2.89 -4.56 19.12
C CYS B 33 1.70 -3.72 18.65
N PHE B 34 0.51 -4.16 19.03
CA PHE B 34 -0.72 -3.47 18.67
C PHE B 34 -0.73 -2.00 19.14
N HIS B 35 -0.37 -1.77 20.40
CA HIS B 35 -0.29 -0.43 20.98
C HIS B 35 0.63 0.56 20.21
N CYS B 36 1.85 0.12 19.84
CA CYS B 36 2.80 0.95 19.10
C CYS B 36 2.38 1.17 17.64
N ALA B 37 1.86 0.13 16.99
CA ALA B 37 1.30 0.24 15.64
C ALA B 37 0.18 1.27 15.54
N ARG B 38 -0.76 1.26 16.49
CA ARG B 38 -1.82 2.26 16.57
C ARG B 38 -1.30 3.67 16.80
N ARG B 39 -0.30 3.79 17.69
CA ARG B 39 0.35 5.07 17.95
C ARG B 39 0.96 5.63 16.65
N LEU B 40 1.63 4.78 15.87
CA LEU B 40 2.19 5.17 14.58
C LEU B 40 1.10 5.70 13.64
N LYS B 41 0.00 4.96 13.51
CA LYS B 41 -1.11 5.41 12.69
C LYS B 41 -1.65 6.77 13.18
N LYS B 42 -1.82 6.90 14.50
CA LYS B 42 -2.32 8.13 15.08
C LYS B 42 -1.39 9.31 14.80
N ALA B 43 -0.08 9.06 14.81
CA ALA B 43 0.89 10.09 14.46
C ALA B 43 0.88 10.38 12.97
N GLY B 44 0.11 9.62 12.20
CA GLY B 44 0.17 9.72 10.74
C GLY B 44 1.48 9.26 10.13
N ALA B 45 2.25 8.46 10.87
CA ALA B 45 3.47 7.87 10.31
C ALA B 45 3.13 6.87 9.20
N SER B 46 4.10 6.60 8.33
CA SER B 46 3.93 5.56 7.34
C SER B 46 4.46 4.27 7.95
N CYS B 47 4.20 3.14 7.32
CA CYS B 47 4.72 1.87 7.82
C CYS B 47 6.24 2.00 8.02
N PRO B 48 6.76 1.61 9.21
CA PRO B 48 8.21 1.78 9.44
C PRO B 48 9.11 0.90 8.58
N ILE B 49 8.58 -0.14 7.94
CA ILE B 49 9.40 -0.97 7.08
C ILE B 49 9.40 -0.46 5.62
N CYS B 50 8.23 -0.33 5.02
CA CYS B 50 8.15 -0.06 3.60
C CYS B 50 7.67 1.36 3.26
N LYS B 51 7.26 2.13 4.29
CA LYS B 51 6.86 3.55 4.13
C LYS B 51 5.56 3.77 3.39
N LYS B 52 4.75 2.73 3.31
CA LYS B 52 3.42 2.90 2.76
C LYS B 52 2.49 3.47 3.82
N GLU B 53 1.47 4.20 3.34
CA GLU B 53 0.39 4.72 4.17
C GLU B 53 -0.17 3.53 4.96
N ILE B 54 -0.35 3.73 6.26
CA ILE B 54 -0.96 2.72 7.09
C ILE B 54 -2.46 2.85 6.91
N GLN B 55 -3.07 1.82 6.36
CA GLN B 55 -4.51 1.85 6.14
C GLN B 55 -5.28 1.24 7.29
N LEU B 56 -4.68 0.25 7.92
CA LEU B 56 -5.36 -0.54 8.94
C LEU B 56 -4.36 -1.11 9.93
N VAL B 57 -4.73 -1.08 11.20
CA VAL B 57 -3.95 -1.74 12.25
C VAL B 57 -4.82 -2.77 12.94
N ILE B 58 -4.28 -3.99 13.04
CA ILE B 58 -5.00 -5.19 13.41
C ILE B 58 -4.25 -5.84 14.57
N LYS B 59 -5.00 -6.32 15.56
CA LYS B 59 -4.46 -7.13 16.64
C LYS B 59 -4.41 -8.61 16.19
N VAL B 60 -3.21 -9.19 16.20
CA VAL B 60 -2.98 -10.52 15.63
C VAL B 60 -2.83 -11.59 16.70
N PHE B 61 -3.55 -12.70 16.49
CA PHE B 61 -3.47 -13.88 17.35
C PHE B 61 -2.94 -15.05 16.53
N ILE B 62 -1.85 -15.65 17.01
CA ILE B 62 -1.23 -16.78 16.32
C ILE B 62 -1.91 -18.05 16.82
N ALA B 63 -2.42 -18.85 15.88
CA ALA B 63 -3.04 -20.13 16.20
C ALA B 63 -2.32 -21.27 15.45
N LEU C 5 -0.34 2.53 -22.83
CA LEU C 5 0.90 2.52 -23.63
C LEU C 5 2.02 1.94 -22.75
N ASN C 6 2.88 2.84 -22.25
CA ASN C 6 3.83 2.56 -21.17
C ASN C 6 3.08 2.30 -19.89
N ALA C 7 1.82 2.74 -19.86
CA ALA C 7 0.94 2.61 -18.72
C ALA C 7 0.57 1.15 -18.40
N ILE C 8 0.58 0.29 -19.42
CA ILE C 8 0.22 -1.12 -19.20
C ILE C 8 1.45 -2.00 -19.01
N GLU C 9 2.57 -1.38 -18.65
CA GLU C 9 3.80 -2.12 -18.37
C GLU C 9 4.22 -1.96 -16.91
N PRO C 10 4.87 -3.00 -16.35
CA PRO C 10 5.28 -2.95 -14.95
C PRO C 10 6.39 -1.94 -14.71
N CYS C 11 6.66 -1.66 -13.44
CA CYS C 11 7.83 -0.88 -13.03
C CYS C 11 9.05 -1.17 -13.90
N VAL C 12 9.74 -0.13 -14.38
CA VAL C 12 10.90 -0.36 -15.26
C VAL C 12 12.07 -0.94 -14.47
N ILE C 13 12.09 -0.69 -13.16
CA ILE C 13 13.23 -1.07 -12.37
C ILE C 13 13.17 -2.55 -11.99
N CYS C 14 12.01 -3.03 -11.54
CA CYS C 14 11.88 -4.42 -11.07
C CYS C 14 11.03 -5.28 -11.98
N GLN C 15 10.30 -4.65 -12.91
CA GLN C 15 9.32 -5.29 -13.80
C GLN C 15 8.35 -6.25 -13.09
N GLY C 16 8.18 -6.06 -11.78
CA GLY C 16 7.38 -7.00 -11.02
C GLY C 16 6.10 -6.42 -10.44
N ARG C 17 5.94 -5.10 -10.52
CA ARG C 17 4.83 -4.38 -9.86
C ARG C 17 4.33 -3.25 -10.76
N PRO C 18 3.11 -2.73 -10.53
CA PRO C 18 2.64 -1.66 -11.42
C PRO C 18 3.36 -0.34 -11.15
N LYS C 19 3.25 0.58 -12.10
CA LYS C 19 3.84 1.90 -11.95
C LYS C 19 2.96 2.77 -11.02
N ASN C 20 3.12 2.60 -9.72
CA ASN C 20 2.33 3.36 -8.76
C ASN C 20 3.18 4.26 -7.88
N GLY C 21 4.45 4.40 -8.24
CA GLY C 21 5.39 5.20 -7.48
C GLY C 21 5.65 6.52 -8.17
N CYS C 22 4.71 7.45 -8.03
CA CYS C 22 4.84 8.72 -8.72
C CYS C 22 5.97 9.57 -8.14
N ILE C 23 6.90 9.97 -9.01
CA ILE C 23 8.03 10.81 -8.63
C ILE C 23 7.62 12.25 -8.85
N VAL C 24 7.54 13.02 -7.77
CA VAL C 24 6.99 14.37 -7.82
C VAL C 24 8.12 15.40 -7.82
N HIS C 25 8.07 16.33 -8.77
CA HIS C 25 9.00 17.46 -8.84
C HIS C 25 8.25 18.69 -9.34
N GLY C 26 8.03 19.65 -8.46
CA GLY C 26 7.26 20.84 -8.81
C GLY C 26 5.81 20.50 -9.05
N LYS C 27 5.31 20.87 -10.23
CA LYS C 27 3.93 20.62 -10.60
C LYS C 27 3.78 19.48 -11.61
N THR C 28 4.85 18.74 -11.81
CA THR C 28 4.83 17.53 -12.62
C THR C 28 5.29 16.29 -11.82
N GLY C 29 4.96 15.12 -12.34
CA GLY C 29 5.43 13.86 -11.81
C GLY C 29 5.77 12.89 -12.92
N HIS C 30 6.79 12.07 -12.68
CA HIS C 30 7.07 10.96 -13.57
C HIS C 30 6.67 9.64 -12.95
N LEU C 31 5.88 8.90 -13.72
CA LEU C 31 5.44 7.58 -13.33
C LEU C 31 6.13 6.55 -14.22
N MET C 32 7.17 5.90 -13.67
CA MET C 32 7.92 4.85 -14.37
C MET C 32 8.21 3.64 -13.48
N ALA C 33 8.05 3.83 -12.17
CA ALA C 33 8.45 2.85 -11.18
C ALA C 33 7.35 2.57 -10.15
N CYS C 34 7.39 1.38 -9.55
CA CYS C 34 6.56 1.08 -8.39
C CYS C 34 7.01 1.93 -7.19
N PHE C 35 6.14 2.05 -6.19
CA PHE C 35 6.41 2.83 -4.97
C PHE C 35 7.76 2.44 -4.31
N THR C 36 7.92 1.17 -4.00
CA THR C 36 9.14 0.60 -3.41
C THR C 36 10.41 1.01 -4.19
N CYS C 37 10.42 0.76 -5.50
CA CYS C 37 11.59 1.12 -6.31
C CYS C 37 11.81 2.64 -6.33
N ALA C 38 10.74 3.39 -6.55
CA ALA C 38 10.81 4.85 -6.45
C ALA C 38 11.32 5.35 -5.10
N LYS C 39 10.89 4.72 -4.00
CA LYS C 39 11.41 5.12 -2.68
C LYS C 39 12.93 4.91 -2.60
N LYS C 40 13.39 3.79 -3.15
CA LYS C 40 14.81 3.48 -3.19
C LYS C 40 15.61 4.57 -3.89
N LEU C 41 15.10 5.12 -4.99
CA LEU C 41 15.77 6.24 -5.71
C LEU C 41 15.90 7.48 -4.84
N LYS C 42 14.82 7.83 -4.15
CA LYS C 42 14.80 8.99 -3.27
C LYS C 42 15.74 8.78 -2.08
N LYS C 43 15.66 7.60 -1.47
CA LYS C 43 16.52 7.22 -0.34
C LYS C 43 18.01 7.31 -0.66
N ARG C 44 18.40 6.87 -1.86
CA ARG C 44 19.79 6.96 -2.32
C ARG C 44 20.10 8.32 -2.97
N ASN C 45 19.19 9.27 -2.78
CA ASN C 45 19.30 10.65 -3.27
C ASN C 45 19.57 10.81 -4.78
N LYS C 46 19.01 9.89 -5.57
CA LYS C 46 19.10 9.95 -7.02
C LYS C 46 18.11 10.97 -7.56
N PRO C 47 18.43 11.60 -8.71
CA PRO C 47 17.42 12.47 -9.33
C PRO C 47 16.43 11.61 -10.10
N CYS C 48 15.33 12.20 -10.57
CA CYS C 48 14.39 11.49 -11.43
C CYS C 48 15.11 10.89 -12.64
N PRO C 49 15.02 9.56 -12.83
CA PRO C 49 15.73 8.94 -13.96
C PRO C 49 15.28 9.43 -15.34
N VAL C 50 14.08 9.99 -15.42
CA VAL C 50 13.50 10.41 -16.69
C VAL C 50 13.94 11.82 -17.11
N CYS C 51 13.85 12.78 -16.20
CA CYS C 51 14.11 14.17 -16.53
C CYS C 51 15.28 14.76 -15.77
N ARG C 52 15.80 14.00 -14.80
CA ARG C 52 16.98 14.38 -14.01
C ARG C 52 16.83 15.54 -13.01
N GLN C 53 15.60 16.06 -12.86
N GLN C 53 15.61 16.04 -12.85
CA GLN C 53 15.26 16.98 -11.78
CA GLN C 53 15.32 17.01 -11.79
C GLN C 53 15.32 16.26 -10.43
C GLN C 53 15.25 16.29 -10.43
N PRO C 54 15.53 17.01 -9.33
CA PRO C 54 15.53 16.38 -8.01
C PRO C 54 14.15 15.85 -7.62
N ILE C 55 14.13 14.74 -6.89
CA ILE C 55 12.87 14.16 -6.41
C ILE C 55 12.45 14.84 -5.11
N GLN C 56 11.32 15.55 -5.16
CA GLN C 56 10.76 16.18 -3.97
C GLN C 56 10.09 15.16 -3.07
N MET C 57 9.25 14.31 -3.66
CA MET C 57 8.66 13.18 -2.93
C MET C 57 8.17 12.09 -3.88
N ILE C 58 7.84 10.95 -3.28
CA ILE C 58 7.23 9.81 -3.97
C ILE C 58 5.81 9.69 -3.48
N VAL C 59 4.86 9.66 -4.42
CA VAL C 59 3.46 9.52 -4.05
C VAL C 59 2.97 8.14 -4.45
N LEU C 60 2.36 7.41 -3.51
CA LEU C 60 1.74 6.14 -3.86
C LEU C 60 0.42 6.47 -4.55
N THR C 61 0.30 6.14 -5.84
CA THR C 61 -0.86 6.59 -6.59
C THR C 61 -1.78 5.46 -7.04
N TYR C 62 -3.06 5.73 -6.89
CA TYR C 62 -4.12 4.79 -7.21
C TYR C 62 -4.84 5.23 -8.48
N PHE C 63 -5.21 4.24 -9.30
CA PHE C 63 -6.01 4.51 -10.48
C PHE C 63 -7.18 3.55 -10.63
N PRO C 64 -8.24 3.74 -9.82
CA PRO C 64 -9.48 2.98 -9.97
C PRO C 64 -10.34 3.56 -11.10
N ASP D 2 0.50 -2.63 -15.16
CA ASP D 2 -0.55 -3.22 -16.05
C ASP D 2 -1.93 -2.54 -16.01
N CYS D 3 -2.14 -1.58 -15.10
CA CYS D 3 -3.52 -1.13 -14.81
C CYS D 3 -4.20 -0.29 -15.88
N GLN D 4 -5.33 -0.80 -16.33
CA GLN D 4 -5.96 -0.37 -17.57
C GLN D 4 -6.85 0.87 -17.48
N ASN D 5 -7.20 1.29 -16.27
CA ASN D 5 -8.02 2.49 -16.07
C ASN D 5 -7.31 3.76 -16.51
N LEU D 6 -5.99 3.74 -16.42
CA LEU D 6 -5.18 4.84 -16.88
C LEU D 6 -5.26 5.04 -18.39
N LEU D 7 -5.83 4.07 -19.09
CA LEU D 7 -5.95 4.19 -20.54
C LEU D 7 -7.27 4.83 -20.96
N LYS D 8 -8.18 4.98 -20.02
CA LYS D 8 -9.48 5.61 -20.27
C LYS D 8 -9.38 7.13 -20.24
N PRO D 9 -10.27 7.82 -20.97
CA PRO D 9 -10.32 9.27 -20.85
C PRO D 9 -10.62 9.71 -19.42
N CYS D 10 -10.24 10.93 -19.09
CA CYS D 10 -10.64 11.56 -17.84
C CYS D 10 -12.08 11.21 -17.49
N SER D 11 -12.30 10.71 -16.27
CA SER D 11 -13.64 10.32 -15.84
C SER D 11 -14.62 11.50 -15.73
N LEU D 12 -14.13 12.74 -15.86
CA LEU D 12 -15.03 13.89 -15.80
C LEU D 12 -15.42 14.41 -17.17
N CYS D 13 -14.43 14.90 -17.91
CA CYS D 13 -14.65 15.53 -19.20
C CYS D 13 -14.73 14.47 -20.31
N GLU D 14 -14.11 13.31 -20.07
CA GLU D 14 -14.17 12.17 -20.99
C GLU D 14 -13.56 12.48 -22.37
N LYS D 15 -12.71 13.51 -22.42
CA LYS D 15 -12.10 13.95 -23.69
C LYS D 15 -10.63 14.29 -23.54
N ARG D 16 -10.06 14.01 -22.38
CA ARG D 16 -8.64 14.24 -22.15
C ARG D 16 -8.06 13.03 -21.41
N PRO D 17 -6.74 12.78 -21.56
CA PRO D 17 -6.16 11.60 -20.90
C PRO D 17 -6.06 11.84 -19.38
N ARG D 18 -6.00 10.76 -18.62
CA ARG D 18 -5.85 10.80 -17.17
C ARG D 18 -4.43 11.11 -16.73
N ASP D 19 -4.08 12.39 -16.75
CA ASP D 19 -2.75 12.78 -16.36
C ASP D 19 -2.75 13.77 -15.19
N GLY D 20 -3.86 13.86 -14.48
CA GLY D 20 -3.97 14.84 -13.39
C GLY D 20 -3.97 14.12 -12.07
N ASN D 21 -2.83 14.12 -11.39
CA ASN D 21 -2.72 13.41 -10.13
C ASN D 21 -3.19 14.31 -8.98
N ILE D 22 -4.20 13.83 -8.26
CA ILE D 22 -4.77 14.53 -7.11
C ILE D 22 -4.07 14.02 -5.84
N ILE D 23 -3.26 14.89 -5.24
CA ILE D 23 -2.37 14.49 -4.17
C ILE D 23 -2.86 14.96 -2.81
N HIS D 24 -2.86 14.03 -1.87
CA HIS D 24 -3.25 14.27 -0.48
C HIS D 24 -2.30 13.48 0.42
N GLY D 25 -1.37 14.21 1.03
CA GLY D 25 -0.29 13.60 1.81
C GLY D 25 0.70 12.79 0.98
N ARG D 26 0.71 11.49 1.21
CA ARG D 26 1.65 10.57 0.61
C ARG D 26 0.98 9.71 -0.45
N THR D 27 -0.32 9.90 -0.66
CA THR D 27 -1.07 9.17 -1.66
C THR D 27 -1.68 10.12 -2.71
N GLY D 28 -2.17 9.53 -3.80
CA GLY D 28 -2.78 10.29 -4.85
C GLY D 28 -3.77 9.42 -5.55
N HIS D 29 -4.78 10.05 -6.12
CA HIS D 29 -5.70 9.35 -6.99
C HIS D 29 -5.59 9.96 -8.37
N LEU D 30 -5.41 9.10 -9.39
CA LEU D 30 -5.23 9.51 -10.76
C LEU D 30 -6.40 8.98 -11.58
N VAL D 31 -7.48 9.77 -11.63
CA VAL D 31 -8.72 9.40 -12.33
C VAL D 31 -9.28 10.49 -13.28
N THR D 32 -8.58 11.61 -13.35
CA THR D 32 -9.03 12.76 -14.13
C THR D 32 -7.82 13.30 -14.86
N CYS D 33 -8.08 14.20 -15.79
CA CYS D 33 -7.01 14.94 -16.45
C CYS D 33 -6.53 16.06 -15.53
N PHE D 34 -5.45 16.70 -15.93
CA PHE D 34 -4.84 17.79 -15.17
C PHE D 34 -5.80 18.99 -15.12
N HIS D 35 -6.39 19.34 -16.26
CA HIS D 35 -7.39 20.41 -16.34
C HIS D 35 -8.54 20.28 -15.33
N CYS D 36 -9.16 19.10 -15.28
CA CYS D 36 -10.29 18.87 -14.38
C CYS D 36 -9.85 18.75 -12.91
N ALA D 37 -8.69 18.15 -12.67
CA ALA D 37 -8.11 18.11 -11.32
C ALA D 37 -7.84 19.52 -10.76
N ARG D 38 -7.21 20.38 -11.54
CA ARG D 38 -7.01 21.77 -11.14
C ARG D 38 -8.32 22.51 -10.87
N ARG D 39 -9.34 22.26 -11.70
CA ARG D 39 -10.66 22.87 -11.49
C ARG D 39 -11.27 22.44 -10.16
N LEU D 40 -11.16 21.15 -9.84
CA LEU D 40 -11.64 20.63 -8.56
C LEU D 40 -10.95 21.33 -7.40
N LYS D 41 -9.64 21.45 -7.47
CA LYS D 41 -8.91 22.09 -6.38
C LYS D 41 -9.37 23.54 -6.22
N LYS D 42 -9.41 24.27 -7.33
CA LYS D 42 -9.89 25.65 -7.37
C LYS D 42 -11.26 25.80 -6.73
N ALA D 43 -12.12 24.83 -6.99
CA ALA D 43 -13.47 24.81 -6.44
C ALA D 43 -13.46 24.48 -4.95
N GLY D 44 -12.32 24.01 -4.44
CA GLY D 44 -12.23 23.59 -3.04
C GLY D 44 -12.90 22.25 -2.81
N ALA D 45 -13.11 21.49 -3.89
CA ALA D 45 -13.65 20.14 -3.78
C ALA D 45 -12.62 19.23 -3.15
N SER D 46 -13.07 18.12 -2.56
CA SER D 46 -12.12 17.17 -2.02
C SER D 46 -11.90 16.10 -3.08
N CYS D 47 -10.96 15.18 -2.86
CA CYS D 47 -10.73 14.13 -3.86
C CYS D 47 -12.02 13.43 -4.17
N PRO D 48 -12.33 13.25 -5.48
CA PRO D 48 -13.55 12.54 -5.88
C PRO D 48 -13.61 11.07 -5.45
N ILE D 49 -12.46 10.44 -5.24
CA ILE D 49 -12.43 9.04 -4.82
C ILE D 49 -12.52 8.87 -3.31
N CYS D 50 -11.70 9.59 -2.56
CA CYS D 50 -11.55 9.31 -1.12
C CYS D 50 -11.89 10.49 -0.21
N LYS D 51 -12.27 11.63 -0.80
CA LYS D 51 -12.80 12.81 -0.08
C LYS D 51 -11.78 13.46 0.84
N LYS D 52 -10.52 13.11 0.67
CA LYS D 52 -9.46 13.81 1.36
C LYS D 52 -9.27 15.16 0.69
N GLU D 53 -8.83 16.15 1.45
CA GLU D 53 -8.55 17.48 0.93
C GLU D 53 -7.44 17.38 -0.12
N ILE D 54 -7.56 18.19 -1.17
CA ILE D 54 -6.60 18.17 -2.25
C ILE D 54 -5.46 19.10 -1.90
N GLN D 55 -4.29 18.53 -1.65
CA GLN D 55 -3.13 19.34 -1.29
C GLN D 55 -2.40 19.89 -2.51
N LEU D 56 -2.43 19.11 -3.59
CA LEU D 56 -1.57 19.39 -4.74
C LEU D 56 -2.14 18.68 -5.95
N VAL D 57 -2.05 19.33 -7.10
CA VAL D 57 -2.41 18.71 -8.36
C VAL D 57 -1.19 18.77 -9.28
N ILE D 58 -0.75 17.62 -9.76
CA ILE D 58 0.41 17.60 -10.66
C ILE D 58 0.01 17.00 -12.01
N LYS D 59 0.74 17.39 -13.06
CA LYS D 59 0.61 16.79 -14.37
C LYS D 59 1.59 15.64 -14.49
N VAL D 60 1.05 14.44 -14.70
CA VAL D 60 1.88 13.25 -14.69
C VAL D 60 2.16 12.75 -16.10
N PHE D 61 3.41 12.37 -16.31
CA PHE D 61 3.89 11.81 -17.55
C PHE D 61 4.33 10.37 -17.27
N ILE D 62 3.79 9.44 -18.05
CA ILE D 62 4.12 8.03 -17.88
C ILE D 62 5.31 7.71 -18.78
N ALA D 63 6.30 7.04 -18.20
CA ALA D 63 7.51 6.64 -18.91
C ALA D 63 7.73 5.14 -18.72
ZN ZN E . -0.43 -23.57 3.61
ZN ZN F . -10.45 -15.70 13.32
ZN ZN G . 5.36 -1.86 21.21
ZN ZN H . 4.81 -2.09 5.44
ZN ZN I . 9.72 -1.73 -8.83
ZN ZN J . 11.02 13.46 -13.69
ZN ZN K . -10.82 16.04 -17.62
ZN ZN L . -7.93 10.56 -3.23
CAC FLC M . -14.62 20.79 -21.13
CA FLC M . -15.00 22.18 -20.68
CB FLC M . -14.24 22.62 -19.42
CBC FLC M . -14.63 21.83 -18.18
CG FLC M . -14.49 24.10 -19.15
CGC FLC M . -13.63 24.98 -20.01
OA1 FLC M . -15.36 20.19 -21.94
OA2 FLC M . -13.59 20.27 -20.67
OB1 FLC M . -14.25 22.25 -17.05
OB2 FLC M . -15.31 20.77 -18.27
OG1 FLC M . -12.56 25.42 -19.55
OG2 FLC M . -14.01 25.25 -21.17
OHB FLC M . -12.85 22.41 -19.65
S SO4 N . 7.35 9.45 5.48
O1 SO4 N . 6.53 8.49 4.77
O2 SO4 N . 8.22 8.79 6.45
O3 SO4 N . 8.19 10.20 4.55
O4 SO4 N . 6.47 10.40 6.17
#